data_8RVF
#
_entry.id   8RVF
#
_cell.length_a   90.446
_cell.length_b   127.312
_cell.length_c   62.845
_cell.angle_alpha   90
_cell.angle_beta   90
_cell.angle_gamma   90
#
_symmetry.space_group_name_H-M   'C 2 2 21'
#
loop_
_entity.id
_entity.type
_entity.pdbx_description
1 polymer 'Monoglyceride lipase'
2 non-polymer [6-[[2,2-bis(fluoranyl)-1$l^{4},3-diaza-2$l^{4}-boratricyclo[7.3.0.0^{3,7}]dodeca-1(12),4,6,8,10-pentaen-8-yl]methyl]-2-azaspiro[3.3]heptan-2-yl]-[6-(3-cyclopropyl-1,2,4-triazol-1-yl)-2-azaspiro[3.3]heptan-2-yl]methanone
3 non-polymer 1,2-ETHANEDIOL
4 water water
#
_entity_poly.entity_id   1
_entity_poly.type   'polypeptide(L)'
_entity_poly.pdbx_seq_one_letter_code
;MGSSHHHHHHSSGENLYFQGMPEESSPRRTPQSIPYQDLPHLVNADGQYLFCRYWAPTGTPKALIFVSHGAGEHSGRYEE
LARMLMGLDLLVFAHDHVGHGQSEGERMVVSDFHVFVRDVLQHVDSMQKDYPGLPVFLLGHSMGGAIAILTAAERPGHFA
GMVLISPLVLANPESATTFKVLAAKVLNSVLPNLSSGPIDSSVLSRNKTEVDIYNSDPLICRAGLKVCFGIQLLNAVSRV
ERALPKLTVPFLLLQGSADRLCDSKGAYLLMELAKSQDKTLKIYEGAYHVLHKELPEVTNSVFHEINMWVSQRTATAGTA
SPP
;
_entity_poly.pdbx_strand_id   A
#
# COMPACT_ATOMS: atom_id res chain seq x y z
N SER A 26 4.94 32.55 -3.25
CA SER A 26 3.57 32.03 -3.16
C SER A 26 3.57 30.64 -2.54
N PRO A 27 2.67 30.40 -1.57
CA PRO A 27 2.64 29.08 -0.88
C PRO A 27 2.54 27.88 -1.79
N ARG A 28 3.27 26.81 -1.43
CA ARG A 28 3.17 25.58 -2.21
C ARG A 28 1.84 24.92 -1.96
N ARG A 29 1.21 24.48 -3.04
CA ARG A 29 -0.14 23.92 -2.96
C ARG A 29 -0.18 22.48 -3.43
N THR A 30 -1.23 21.77 -2.98
CA THR A 30 -1.42 20.40 -3.46
C THR A 30 -1.83 20.45 -4.94
N PRO A 31 -1.92 19.31 -5.64
CA PRO A 31 -2.41 19.34 -7.03
C PRO A 31 -3.89 19.79 -7.10
N GLN A 32 -4.60 19.86 -5.98
CA GLN A 32 -5.99 20.35 -5.90
C GLN A 32 -6.06 21.82 -5.41
N SER A 33 -4.89 22.50 -5.41
CA SER A 33 -4.58 23.89 -5.06
CA SER A 33 -4.70 23.92 -5.08
C SER A 33 -4.90 24.29 -3.59
N ILE A 34 -4.69 23.36 -2.64
CA ILE A 34 -4.85 23.71 -1.23
C ILE A 34 -3.45 23.99 -0.71
N PRO A 35 -3.17 25.12 -0.01
CA PRO A 35 -1.79 25.34 0.48
C PRO A 35 -1.37 24.23 1.44
N TYR A 36 -0.14 23.68 1.28
CA TYR A 36 0.37 22.68 2.22
C TYR A 36 0.48 23.25 3.62
N GLN A 37 0.62 24.61 3.78
CA GLN A 37 0.66 25.16 5.16
C GLN A 37 -0.64 24.99 5.91
N ASP A 38 -1.73 24.62 5.22
CA ASP A 38 -3.01 24.40 5.89
C ASP A 38 -3.22 22.89 6.15
N LEU A 39 -2.26 22.00 5.79
CA LEU A 39 -2.46 20.56 5.90
C LEU A 39 -1.29 19.90 6.60
N PRO A 40 -1.52 18.76 7.26
CA PRO A 40 -0.37 17.98 7.79
C PRO A 40 0.45 17.51 6.57
N HIS A 41 1.78 17.65 6.66
CA HIS A 41 2.61 17.30 5.52
C HIS A 41 4.02 16.95 5.94
N LEU A 42 4.78 16.46 5.00
CA LEU A 42 6.19 16.11 5.19
C LEU A 42 6.86 16.38 3.83
N VAL A 43 8.11 16.86 3.83
CA VAL A 43 8.82 17.04 2.56
C VAL A 43 9.83 15.89 2.39
N ASN A 44 9.78 15.18 1.26
CA ASN A 44 10.64 14.05 1.06
C ASN A 44 12.08 14.45 0.64
N ALA A 45 12.93 13.45 0.43
CA ALA A 45 14.34 13.69 0.08
C ALA A 45 14.52 14.37 -1.26
N ASP A 46 13.53 14.30 -2.15
CA ASP A 46 13.55 14.96 -3.44
C ASP A 46 12.92 16.35 -3.39
N GLY A 47 12.54 16.85 -2.21
CA GLY A 47 11.91 18.16 -2.07
C GLY A 47 10.44 18.20 -2.44
N GLN A 48 9.80 17.02 -2.54
CA GLN A 48 8.37 16.94 -2.86
C GLN A 48 7.54 16.87 -1.58
N TYR A 49 6.45 17.64 -1.55
CA TYR A 49 5.54 17.64 -0.42
C TYR A 49 4.61 16.41 -0.44
N LEU A 50 4.54 15.70 0.68
CA LEU A 50 3.62 14.58 0.82
C LEU A 50 2.55 14.99 1.78
N PHE A 51 1.28 14.74 1.41
CA PHE A 51 0.19 15.03 2.30
C PHE A 51 0.11 13.87 3.33
N CYS A 52 -0.08 14.21 4.63
CA CYS A 52 -0.10 13.24 5.73
C CYS A 52 -1.46 13.19 6.43
N ARG A 53 -1.74 12.02 7.08
CA ARG A 53 -2.93 11.86 7.91
C ARG A 53 -2.52 11.18 9.23
N TYR A 54 -3.20 11.56 10.35
CA TYR A 54 -2.93 11.00 11.66
C TYR A 54 -4.24 10.70 12.37
N TRP A 55 -4.31 9.58 13.08
CA TRP A 55 -5.46 9.20 13.87
C TRP A 55 -4.87 8.73 15.20
N ALA A 56 -4.90 9.58 16.22
CA ALA A 56 -4.28 9.27 17.51
C ALA A 56 -5.31 9.05 18.60
N PRO A 57 -5.08 8.04 19.47
CA PRO A 57 -6.05 7.81 20.58
C PRO A 57 -5.98 8.91 21.63
N THR A 58 -6.98 8.96 22.53
CA THR A 58 -6.99 9.99 23.58
C THR A 58 -5.90 9.74 24.63
N GLY A 59 -5.53 8.48 24.83
CA GLY A 59 -4.50 8.13 25.82
C GLY A 59 -3.11 7.92 25.23
N THR A 60 -2.25 7.25 26.01
CA THR A 60 -0.90 6.95 25.54
C THR A 60 -1.02 5.77 24.57
N PRO A 61 -0.50 5.91 23.34
CA PRO A 61 -0.65 4.82 22.37
C PRO A 61 0.19 3.60 22.73
N LYS A 62 -0.34 2.41 22.46
CA LYS A 62 0.37 1.17 22.70
C LYS A 62 1.41 0.92 21.60
N ALA A 63 1.14 1.43 20.35
CA ALA A 63 2.02 1.17 19.22
C ALA A 63 1.70 2.17 18.13
N LEU A 64 2.56 2.25 17.14
CA LEU A 64 2.35 3.05 15.96
C LEU A 64 2.06 2.13 14.80
N ILE A 65 1.28 2.61 13.80
CA ILE A 65 1.04 1.78 12.62
C ILE A 65 0.95 2.68 11.41
N PHE A 66 1.76 2.40 10.39
CA PHE A 66 1.72 3.16 9.15
C PHE A 66 0.83 2.42 8.14
N VAL A 67 -0.09 3.14 7.49
CA VAL A 67 -0.94 2.57 6.47
C VAL A 67 -0.43 2.99 5.08
N SER A 68 -0.15 2.01 4.24
CA SER A 68 0.42 2.20 2.91
C SER A 68 -0.64 1.86 1.85
N HIS A 69 -1.10 2.92 1.15
CA HIS A 69 -2.12 2.76 0.16
C HIS A 69 -1.51 2.22 -1.15
N GLY A 70 -2.39 1.84 -2.08
CA GLY A 70 -1.94 1.27 -3.34
C GLY A 70 -1.99 2.25 -4.51
N ALA A 71 -1.74 1.71 -5.71
CA ALA A 71 -1.68 2.50 -6.92
C ALA A 71 -3.05 3.11 -7.25
N GLY A 72 -3.00 4.36 -7.68
CA GLY A 72 -4.18 5.11 -8.08
C GLY A 72 -4.99 5.68 -6.96
N GLU A 73 -4.91 5.12 -5.76
CA GLU A 73 -5.78 5.58 -4.68
C GLU A 73 -4.99 6.52 -3.76
N HIS A 74 -5.41 6.65 -2.50
CA HIS A 74 -4.82 7.63 -1.60
C HIS A 74 -5.20 7.24 -0.17
N SER A 75 -4.58 7.91 0.79
CA SER A 75 -4.76 7.54 2.21
C SER A 75 -6.16 7.75 2.73
N GLY A 76 -6.96 8.59 2.08
CA GLY A 76 -8.32 8.81 2.55
C GLY A 76 -9.21 7.60 2.40
N ARG A 77 -8.79 6.64 1.58
CA ARG A 77 -9.58 5.41 1.42
C ARG A 77 -9.50 4.51 2.66
N TYR A 78 -8.64 4.81 3.63
CA TYR A 78 -8.41 3.97 4.81
C TYR A 78 -9.03 4.57 6.07
N GLU A 79 -9.96 5.51 5.93
CA GLU A 79 -10.58 6.13 7.10
C GLU A 79 -11.17 5.15 8.11
N GLU A 80 -12.02 4.23 7.62
CA GLU A 80 -12.65 3.27 8.51
C GLU A 80 -11.66 2.33 9.16
N LEU A 81 -10.70 1.75 8.41
CA LEU A 81 -9.69 0.85 9.00
CA LEU A 81 -9.72 0.86 8.99
C LEU A 81 -8.87 1.59 10.04
N ALA A 82 -8.45 2.84 9.72
CA ALA A 82 -7.63 3.64 10.62
C ALA A 82 -8.39 3.93 11.90
N ARG A 83 -9.68 4.24 11.82
CA ARG A 83 -10.45 4.54 13.03
C ARG A 83 -10.61 3.30 13.91
N MET A 84 -10.76 2.12 13.30
CA MET A 84 -10.80 0.85 14.04
C MET A 84 -9.45 0.65 14.76
N LEU A 85 -8.31 0.88 14.05
CA LEU A 85 -7.00 0.66 14.66
C LEU A 85 -6.76 1.66 15.80
N MET A 86 -7.19 2.91 15.61
CA MET A 86 -7.08 3.93 16.65
CA MET A 86 -7.09 3.93 16.65
C MET A 86 -7.92 3.53 17.89
N GLY A 87 -9.05 2.83 17.65
CA GLY A 87 -9.90 2.32 18.74
C GLY A 87 -9.19 1.25 19.57
N LEU A 88 -8.13 0.62 19.04
CA LEU A 88 -7.29 -0.33 19.78
C LEU A 88 -6.14 0.36 20.50
N ASP A 89 -6.14 1.71 20.54
CA ASP A 89 -5.14 2.55 21.16
C ASP A 89 -3.83 2.57 20.40
N LEU A 90 -3.86 2.40 19.07
CA LEU A 90 -2.66 2.58 18.25
C LEU A 90 -2.73 3.99 17.63
N LEU A 91 -1.58 4.55 17.37
CA LEU A 91 -1.49 5.84 16.69
C LEU A 91 -1.26 5.47 15.24
N VAL A 92 -2.24 5.76 14.41
CA VAL A 92 -2.26 5.40 12.99
C VAL A 92 -1.76 6.61 12.20
N PHE A 93 -0.83 6.39 11.25
CA PHE A 93 -0.38 7.48 10.41
C PHE A 93 -0.22 7.03 8.98
N ALA A 94 -0.23 7.95 8.03
CA ALA A 94 -0.17 7.60 6.62
C ALA A 94 0.25 8.85 5.86
N HIS A 95 0.65 8.67 4.61
CA HIS A 95 0.77 9.77 3.68
C HIS A 95 0.37 9.27 2.31
N ASP A 96 0.06 10.22 1.40
CA ASP A 96 -0.20 9.84 0.03
C ASP A 96 1.15 9.69 -0.62
N HIS A 97 1.34 8.57 -1.29
CA HIS A 97 2.61 8.34 -1.97
C HIS A 97 2.81 9.40 -3.05
N VAL A 98 4.07 9.65 -3.45
CA VAL A 98 4.34 10.61 -4.53
CA VAL A 98 4.40 10.55 -4.55
C VAL A 98 3.50 10.23 -5.77
N GLY A 99 2.99 11.27 -6.45
CA GLY A 99 2.16 11.06 -7.62
C GLY A 99 0.74 10.61 -7.34
N HIS A 100 0.31 10.67 -6.07
CA HIS A 100 -1.03 10.18 -5.66
C HIS A 100 -1.73 11.19 -4.78
N GLY A 101 -3.05 11.14 -4.77
CA GLY A 101 -3.87 11.90 -3.84
C GLY A 101 -3.52 13.38 -3.78
N GLN A 102 -3.23 13.86 -2.58
CA GLN A 102 -2.92 15.26 -2.31
C GLN A 102 -1.42 15.53 -2.21
N SER A 103 -0.56 14.52 -2.53
CA SER A 103 0.88 14.73 -2.56
C SER A 103 1.29 15.26 -3.91
N GLU A 104 2.51 15.80 -3.95
CA GLU A 104 3.04 16.36 -5.22
C GLU A 104 3.52 15.22 -6.12
N GLY A 105 3.82 15.60 -7.36
CA GLY A 105 4.39 14.67 -8.31
C GLY A 105 3.48 14.48 -9.48
N GLU A 106 4.05 14.23 -10.67
CA GLU A 106 3.24 13.89 -11.85
C GLU A 106 2.40 12.61 -11.50
N ARG A 107 1.11 12.59 -11.85
CA ARG A 107 0.24 11.49 -11.43
C ARG A 107 0.69 10.14 -11.86
N MET A 108 0.81 9.22 -10.88
CA MET A 108 1.15 7.84 -11.15
CA MET A 108 1.12 7.85 -11.23
C MET A 108 2.38 7.67 -12.01
N VAL A 109 3.43 8.32 -11.60
N VAL A 109 3.41 8.42 -11.60
CA VAL A 109 4.77 8.10 -12.11
CA VAL A 109 4.78 8.40 -12.12
C VAL A 109 5.70 8.15 -10.91
C VAL A 109 5.72 8.25 -10.90
N VAL A 110 6.81 7.46 -11.02
CA VAL A 110 7.80 7.40 -9.96
C VAL A 110 9.13 7.14 -10.62
N SER A 111 10.18 7.87 -10.21
CA SER A 111 11.49 7.70 -10.85
C SER A 111 12.03 6.30 -10.67
N ASP A 112 11.83 5.76 -9.46
CA ASP A 112 12.18 4.38 -9.16
C ASP A 112 11.28 3.96 -8.03
N PHE A 113 10.82 2.70 -8.03
CA PHE A 113 9.92 2.19 -6.99
C PHE A 113 10.46 2.44 -5.56
N HIS A 114 11.79 2.46 -5.40
CA HIS A 114 12.37 2.67 -4.06
C HIS A 114 12.01 4.01 -3.46
N VAL A 115 11.62 5.00 -4.27
CA VAL A 115 11.17 6.28 -3.70
C VAL A 115 10.05 6.07 -2.69
N PHE A 116 9.12 5.16 -3.00
CA PHE A 116 7.98 4.94 -2.10
C PHE A 116 8.48 4.38 -0.76
N VAL A 117 9.43 3.43 -0.83
CA VAL A 117 9.98 2.81 0.39
C VAL A 117 10.78 3.82 1.24
N ARG A 118 11.67 4.59 0.57
CA ARG A 118 12.42 5.66 1.22
C ARG A 118 11.51 6.63 1.97
N ASP A 119 10.35 7.03 1.32
CA ASP A 119 9.46 8.01 1.93
C ASP A 119 8.72 7.41 3.11
N VAL A 120 8.32 6.13 3.02
CA VAL A 120 7.71 5.48 4.20
C VAL A 120 8.71 5.49 5.37
N LEU A 121 9.95 5.12 5.08
CA LEU A 121 10.99 5.08 6.13
C LEU A 121 11.25 6.45 6.75
N GLN A 122 11.21 7.51 5.93
CA GLN A 122 11.40 8.86 6.45
C GLN A 122 10.26 9.17 7.44
N HIS A 123 8.99 8.84 7.06
CA HIS A 123 7.88 9.17 7.91
C HIS A 123 7.90 8.34 9.19
N VAL A 124 8.22 7.03 9.08
CA VAL A 124 8.30 6.17 10.27
C VAL A 124 9.41 6.71 11.21
N ASP A 125 10.54 7.09 10.63
CA ASP A 125 11.65 7.61 11.45
C ASP A 125 11.27 8.90 12.16
N SER A 126 10.53 9.77 11.47
CA SER A 126 10.06 11.02 12.07
CA SER A 126 10.05 11.01 12.07
C SER A 126 9.11 10.72 13.24
N MET A 127 8.13 9.81 13.05
CA MET A 127 7.19 9.49 14.12
C MET A 127 7.83 8.83 15.33
N GLN A 128 8.82 8.01 15.10
CA GLN A 128 9.52 7.33 16.21
C GLN A 128 10.29 8.32 17.08
N LYS A 129 10.68 9.48 16.53
CA LYS A 129 11.33 10.53 17.32
C LYS A 129 10.29 11.15 18.26
N ASP A 130 9.08 11.44 17.74
CA ASP A 130 8.04 12.04 18.53
C ASP A 130 7.40 11.07 19.54
N TYR A 131 7.48 9.75 19.27
CA TYR A 131 6.90 8.72 20.14
C TYR A 131 7.92 7.60 20.30
N PRO A 132 9.01 7.85 21.06
CA PRO A 132 10.05 6.81 21.20
C PRO A 132 9.64 5.64 22.06
N GLY A 133 10.30 4.51 21.84
CA GLY A 133 10.05 3.29 22.57
C GLY A 133 8.82 2.52 22.17
N LEU A 134 8.05 3.03 21.19
CA LEU A 134 6.84 2.32 20.78
C LEU A 134 7.07 1.38 19.62
N PRO A 135 6.42 0.20 19.67
CA PRO A 135 6.51 -0.73 18.53
C PRO A 135 5.88 -0.11 17.28
N VAL A 136 6.37 -0.46 16.08
CA VAL A 136 5.78 0.06 14.87
CA VAL A 136 5.82 0.06 14.83
C VAL A 136 5.37 -1.06 13.92
N PHE A 137 4.13 -0.98 13.44
CA PHE A 137 3.59 -1.97 12.52
C PHE A 137 3.39 -1.28 11.15
N LEU A 138 3.24 -2.11 10.09
CA LEU A 138 2.91 -1.62 8.74
C LEU A 138 1.64 -2.29 8.32
N LEU A 139 0.83 -1.61 7.54
CA LEU A 139 -0.35 -2.20 6.93
C LEU A 139 -0.32 -1.75 5.50
N GLY A 140 -0.43 -2.67 4.55
CA GLY A 140 -0.44 -2.25 3.14
C GLY A 140 -1.34 -3.09 2.28
N HIS A 141 -1.94 -2.47 1.27
CA HIS A 141 -2.79 -3.16 0.31
C HIS A 141 -2.20 -3.05 -1.08
N SER A 142 -2.18 -4.19 -1.81
CA SER A 142 -1.81 -4.20 -3.23
C SER A 142 -0.39 -3.61 -3.48
N MET A 143 -0.23 -2.54 -4.31
CA MET A 143 1.11 -1.94 -4.44
C MET A 143 1.65 -1.49 -3.07
N GLY A 144 0.75 -1.03 -2.20
CA GLY A 144 1.09 -0.60 -0.84
C GLY A 144 1.64 -1.76 0.00
N GLY A 145 1.20 -2.98 -0.28
CA GLY A 145 1.67 -4.19 0.38
C GLY A 145 3.07 -4.53 -0.10
N ALA A 146 3.35 -4.34 -1.42
CA ALA A 146 4.73 -4.50 -1.93
C ALA A 146 5.64 -3.48 -1.25
N ILE A 147 5.16 -2.23 -1.09
CA ILE A 147 5.94 -1.20 -0.38
C ILE A 147 6.19 -1.64 1.06
N ALA A 148 5.16 -2.19 1.77
CA ALA A 148 5.35 -2.61 3.16
C ALA A 148 6.36 -3.73 3.24
N ILE A 149 6.27 -4.73 2.32
CA ILE A 149 7.26 -5.84 2.33
C ILE A 149 8.69 -5.29 2.14
N LEU A 150 8.90 -4.39 1.17
CA LEU A 150 10.26 -3.87 0.92
C LEU A 150 10.72 -3.00 2.06
N THR A 151 9.80 -2.31 2.76
CA THR A 151 10.18 -1.45 3.89
C THR A 151 10.65 -2.36 5.02
N ALA A 152 9.89 -3.42 5.33
CA ALA A 152 10.29 -4.33 6.41
C ALA A 152 11.59 -5.06 6.02
N ALA A 153 11.78 -5.40 4.73
CA ALA A 153 13.01 -6.12 4.33
C ALA A 153 14.26 -5.24 4.45
N GLU A 154 14.10 -3.95 4.28
CA GLU A 154 15.19 -2.99 4.39
C GLU A 154 15.62 -2.81 5.86
N ARG A 155 14.73 -3.07 6.84
CA ARG A 155 15.01 -2.89 8.26
C ARG A 155 14.66 -4.15 9.05
N PRO A 156 15.37 -5.26 8.82
CA PRO A 156 15.08 -6.50 9.57
C PRO A 156 15.18 -6.31 11.08
N GLY A 157 14.15 -6.77 11.74
CA GLY A 157 13.98 -6.74 13.19
C GLY A 157 13.42 -5.48 13.77
N HIS A 158 13.19 -4.45 12.93
CA HIS A 158 12.70 -3.14 13.36
CA HIS A 158 12.72 -3.19 13.47
C HIS A 158 11.20 -3.06 13.53
N PHE A 159 10.47 -3.75 12.64
CA PHE A 159 9.01 -3.63 12.67
C PHE A 159 8.40 -4.76 13.51
N ALA A 160 7.36 -4.43 14.29
CA ALA A 160 6.73 -5.41 15.17
C ALA A 160 5.84 -6.39 14.37
N GLY A 161 5.30 -5.94 13.23
CA GLY A 161 4.42 -6.78 12.44
C GLY A 161 3.92 -6.04 11.21
N MET A 162 3.39 -6.80 10.27
CA MET A 162 2.91 -6.29 9.02
CA MET A 162 2.84 -6.25 9.03
C MET A 162 1.56 -6.95 8.72
N VAL A 163 0.58 -6.18 8.27
CA VAL A 163 -0.71 -6.65 7.85
C VAL A 163 -0.76 -6.37 6.35
N LEU A 164 -0.94 -7.43 5.57
CA LEU A 164 -0.96 -7.31 4.10
C LEU A 164 -2.32 -7.71 3.57
N ILE A 165 -2.94 -6.81 2.76
CA ILE A 165 -4.21 -7.12 2.14
C ILE A 165 -3.95 -7.22 0.67
N SER A 166 -4.06 -8.45 0.11
CA SER A 166 -3.76 -8.75 -1.30
CA SER A 166 -3.81 -8.71 -1.32
C SER A 166 -2.55 -7.98 -1.81
N PRO A 167 -1.40 -8.24 -1.20
CA PRO A 167 -0.18 -7.51 -1.61
C PRO A 167 0.24 -7.88 -3.02
N LEU A 168 0.87 -6.92 -3.71
CA LEU A 168 1.39 -7.19 -5.03
C LEU A 168 2.69 -8.02 -4.87
N VAL A 169 2.56 -9.31 -5.12
CA VAL A 169 3.69 -10.25 -5.04
C VAL A 169 3.90 -10.84 -6.41
N LEU A 170 2.82 -11.31 -7.04
CA LEU A 170 2.82 -11.84 -8.38
C LEU A 170 1.58 -11.20 -9.05
N ALA A 171 1.79 -10.56 -10.20
CA ALA A 171 0.67 -9.99 -10.94
C ALA A 171 -0.15 -11.13 -11.63
N ASN A 172 -1.37 -10.84 -12.14
CA ASN A 172 -2.18 -11.79 -12.88
C ASN A 172 -1.36 -12.27 -14.10
N PRO A 173 -1.18 -13.59 -14.25
CA PRO A 173 -0.32 -14.10 -15.32
C PRO A 173 -0.65 -13.60 -16.72
N GLU A 174 -1.94 -13.55 -17.09
CA GLU A 174 -2.34 -13.08 -18.40
C GLU A 174 -2.01 -11.58 -18.59
N SER A 175 -2.20 -10.77 -17.54
CA SER A 175 -1.91 -9.34 -17.61
C SER A 175 -0.41 -9.04 -17.64
N ALA A 176 0.38 -9.83 -16.91
CA ALA A 176 1.83 -9.63 -16.82
C ALA A 176 2.51 -9.90 -18.16
N THR A 177 2.15 -11.01 -18.84
CA THR A 177 2.76 -11.36 -20.12
C THR A 177 2.47 -10.29 -21.17
N THR A 178 1.25 -9.75 -21.19
CA THR A 178 0.86 -8.71 -22.13
C THR A 178 1.65 -7.42 -21.87
N PHE A 179 1.74 -7.03 -20.60
CA PHE A 179 2.46 -5.84 -20.23
C PHE A 179 3.96 -5.96 -20.52
N LYS A 180 4.58 -7.13 -20.23
CA LYS A 180 6.01 -7.36 -20.46
C LYS A 180 6.43 -7.16 -21.94
N VAL A 181 5.48 -7.34 -22.87
CA VAL A 181 5.72 -7.10 -24.29
C VAL A 181 5.72 -5.60 -24.53
N LEU A 182 4.71 -4.90 -24.00
CA LEU A 182 4.56 -3.44 -24.12
C LEU A 182 5.74 -2.71 -23.47
N ALA A 183 6.27 -3.27 -22.35
CA ALA A 183 7.41 -2.75 -21.61
C ALA A 183 8.68 -2.84 -22.46
N ALA A 184 8.81 -3.88 -23.28
CA ALA A 184 9.97 -4.03 -24.17
C ALA A 184 9.99 -2.93 -25.24
N LYS A 185 8.83 -2.50 -25.71
CA LYS A 185 8.71 -1.43 -26.68
C LYS A 185 9.25 -0.12 -26.05
N VAL A 186 8.83 0.21 -24.82
CA VAL A 186 9.28 1.42 -24.15
C VAL A 186 10.76 1.30 -23.75
N LEU A 187 11.22 0.12 -23.30
CA LEU A 187 12.62 -0.06 -22.93
C LEU A 187 13.58 0.04 -24.11
N ASN A 188 13.16 -0.38 -25.31
CA ASN A 188 14.01 -0.31 -26.49
C ASN A 188 13.91 0.96 -27.29
N SER A 189 12.84 1.72 -27.12
CA SER A 189 12.69 2.92 -27.92
CA SER A 189 12.65 2.94 -27.90
C SER A 189 12.37 4.16 -27.03
N VAL A 190 12.23 5.36 -27.64
CA VAL A 190 11.93 6.55 -26.85
C VAL A 190 10.46 6.77 -27.05
N LEU A 191 9.62 6.34 -26.11
CA LEU A 191 8.17 6.49 -26.23
C LEU A 191 7.64 6.96 -24.87
N PRO A 192 7.79 8.26 -24.57
CA PRO A 192 7.43 8.78 -23.24
C PRO A 192 5.95 8.75 -22.83
N ASN A 193 5.01 8.89 -23.77
CA ASN A 193 3.60 8.98 -23.40
C ASN A 193 2.85 7.64 -23.35
N LEU A 194 3.50 6.53 -23.72
CA LEU A 194 2.84 5.24 -23.76
C LEU A 194 2.15 4.84 -22.46
N SER A 195 0.88 4.44 -22.57
CA SER A 195 0.03 3.98 -21.49
C SER A 195 -0.71 2.74 -21.92
N SER A 196 -0.96 1.84 -20.99
CA SER A 196 -1.81 0.68 -21.22
C SER A 196 -3.26 1.10 -20.80
N GLY A 197 -4.19 0.14 -20.75
CA GLY A 197 -5.55 0.43 -20.33
C GLY A 197 -5.66 0.65 -18.83
N PRO A 198 -6.77 1.24 -18.38
N PRO A 198 -6.77 1.24 -18.38
CA PRO A 198 -6.93 1.48 -16.93
CA PRO A 198 -6.93 1.48 -16.93
C PRO A 198 -7.21 0.19 -16.14
C PRO A 198 -7.21 0.19 -16.14
N ILE A 199 -6.97 0.20 -14.82
CA ILE A 199 -7.26 -0.97 -13.95
C ILE A 199 -8.80 -1.13 -13.95
N ASP A 200 -9.35 -2.26 -14.51
CA ASP A 200 -10.82 -2.45 -14.65
C ASP A 200 -11.53 -2.43 -13.28
N SER A 201 -12.45 -1.47 -13.08
CA SER A 201 -13.08 -1.29 -11.78
CA SER A 201 -13.14 -1.26 -11.81
C SER A 201 -14.00 -2.42 -11.36
N SER A 202 -14.64 -3.12 -12.30
CA SER A 202 -15.53 -4.24 -11.90
C SER A 202 -14.77 -5.38 -11.23
N VAL A 203 -13.46 -5.56 -11.53
CA VAL A 203 -12.68 -6.66 -10.87
C VAL A 203 -12.14 -6.29 -9.49
N LEU A 204 -12.38 -5.05 -9.04
CA LEU A 204 -11.86 -4.64 -7.74
C LEU A 204 -12.62 -5.22 -6.57
N SER A 205 -13.95 -5.34 -6.69
CA SER A 205 -14.77 -5.78 -5.59
C SER A 205 -16.10 -6.26 -6.14
N ARG A 206 -16.68 -7.23 -5.48
CA ARG A 206 -18.02 -7.69 -5.81
C ARG A 206 -19.06 -6.68 -5.25
N ASN A 207 -18.66 -5.76 -4.32
CA ASN A 207 -19.57 -4.80 -3.74
C ASN A 207 -19.73 -3.65 -4.75
N LYS A 208 -20.86 -3.62 -5.44
CA LYS A 208 -21.10 -2.59 -6.45
C LYS A 208 -21.11 -1.16 -5.88
N THR A 209 -21.58 -1.00 -4.62
CA THR A 209 -21.62 0.34 -4.02
C THR A 209 -20.17 0.85 -3.84
N GLU A 210 -19.26 -0.09 -3.39
CA GLU A 210 -17.88 0.32 -3.24
C GLU A 210 -17.26 0.67 -4.58
N VAL A 211 -17.57 -0.08 -5.64
CA VAL A 211 -17.03 0.23 -6.96
C VAL A 211 -17.54 1.62 -7.42
N ASP A 212 -18.82 1.86 -7.17
CA ASP A 212 -19.42 3.19 -7.53
C ASP A 212 -18.75 4.36 -6.78
N ILE A 213 -18.43 4.14 -5.51
CA ILE A 213 -17.72 5.14 -4.71
C ILE A 213 -16.30 5.36 -5.24
N TYR A 214 -15.60 4.25 -5.57
CA TYR A 214 -14.26 4.35 -6.14
C TYR A 214 -14.25 5.17 -7.43
N ASN A 215 -15.27 4.91 -8.28
CA ASN A 215 -15.40 5.64 -9.54
C ASN A 215 -15.83 7.08 -9.38
N SER A 216 -16.22 7.52 -8.18
CA SER A 216 -16.72 8.88 -7.90
C SER A 216 -15.74 9.74 -7.14
N ASP A 217 -14.65 9.17 -6.59
CA ASP A 217 -13.72 9.95 -5.78
C ASP A 217 -12.74 10.71 -6.68
N PRO A 218 -12.78 12.04 -6.67
CA PRO A 218 -11.87 12.80 -7.56
C PRO A 218 -10.39 12.67 -7.23
N LEU A 219 -10.06 12.21 -6.03
CA LEU A 219 -8.63 12.04 -5.67
C LEU A 219 -8.07 10.73 -6.17
N ILE A 220 -8.92 9.85 -6.75
CA ILE A 220 -8.44 8.60 -7.26
C ILE A 220 -8.12 8.79 -8.73
N CYS A 221 -6.97 8.29 -9.15
CA CYS A 221 -6.57 8.33 -10.53
C CYS A 221 -7.01 7.03 -11.17
N ARG A 222 -7.94 7.14 -12.12
CA ARG A 222 -8.42 5.95 -12.81
C ARG A 222 -7.98 5.93 -14.29
N ALA A 223 -6.93 6.71 -14.63
CA ALA A 223 -6.42 6.74 -15.99
C ALA A 223 -5.65 5.44 -16.29
N GLY A 224 -5.36 5.19 -17.56
CA GLY A 224 -4.56 4.03 -17.94
C GLY A 224 -3.17 4.12 -17.33
N LEU A 225 -2.61 2.99 -16.96
CA LEU A 225 -1.29 2.97 -16.35
C LEU A 225 -0.25 3.35 -17.37
N LYS A 226 0.60 4.32 -17.06
CA LYS A 226 1.69 4.68 -17.97
C LYS A 226 2.68 3.51 -17.98
N VAL A 227 3.24 3.18 -19.14
CA VAL A 227 4.19 2.08 -19.26
C VAL A 227 5.40 2.25 -18.31
N CYS A 228 5.88 3.50 -18.10
CA CYS A 228 6.99 3.71 -17.17
C CYS A 228 6.61 3.31 -15.73
N PHE A 229 5.36 3.55 -15.34
CA PHE A 229 4.89 3.18 -14.00
C PHE A 229 4.70 1.64 -13.89
N GLY A 230 4.16 1.01 -14.94
CA GLY A 230 4.03 -0.45 -14.97
C GLY A 230 5.38 -1.13 -14.87
N ILE A 231 6.42 -0.51 -15.49
CA ILE A 231 7.79 -1.02 -15.39
C ILE A 231 8.24 -0.98 -13.92
N GLN A 232 7.89 0.09 -13.18
CA GLN A 232 8.23 0.14 -11.75
C GLN A 232 7.48 -0.88 -10.92
N LEU A 233 6.23 -1.22 -11.30
CA LEU A 233 5.50 -2.29 -10.61
C LEU A 233 6.19 -3.62 -10.91
N LEU A 234 6.70 -3.82 -12.14
CA LEU A 234 7.46 -5.03 -12.46
C LEU A 234 8.76 -5.04 -11.63
N ASN A 235 9.38 -3.86 -11.37
CA ASN A 235 10.56 -3.79 -10.49
C ASN A 235 10.17 -4.17 -9.07
N ALA A 236 9.01 -3.70 -8.59
CA ALA A 236 8.54 -4.05 -7.24
C ALA A 236 8.37 -5.58 -7.11
N VAL A 237 7.79 -6.24 -8.11
CA VAL A 237 7.61 -7.69 -8.08
C VAL A 237 8.98 -8.41 -8.02
N SER A 238 9.97 -7.94 -8.81
CA SER A 238 11.30 -8.54 -8.82
CA SER A 238 11.29 -8.56 -8.81
C SER A 238 11.98 -8.36 -7.45
N ARG A 239 11.86 -7.16 -6.87
CA ARG A 239 12.47 -6.87 -5.59
C ARG A 239 11.80 -7.61 -4.45
N VAL A 240 10.46 -7.78 -4.49
CA VAL A 240 9.75 -8.55 -3.47
C VAL A 240 10.22 -9.99 -3.49
N GLU A 241 10.37 -10.59 -4.68
CA GLU A 241 10.86 -11.96 -4.82
C GLU A 241 12.24 -12.13 -4.19
N ARG A 242 13.15 -11.15 -4.39
CA ARG A 242 14.48 -11.25 -3.78
C ARG A 242 14.44 -10.99 -2.27
N ALA A 243 13.44 -10.25 -1.78
CA ALA A 243 13.35 -9.92 -0.37
C ALA A 243 12.77 -11.02 0.50
N LEU A 244 11.92 -11.87 -0.06
CA LEU A 244 11.25 -12.92 0.76
C LEU A 244 12.18 -13.77 1.63
N PRO A 245 13.30 -14.36 1.12
CA PRO A 245 14.17 -15.15 2.01
C PRO A 245 14.84 -14.35 3.13
N LYS A 246 14.68 -13.05 3.14
CA LYS A 246 15.22 -12.18 4.17
C LYS A 246 14.12 -11.66 5.12
N LEU A 247 12.84 -11.86 4.76
CA LEU A 247 11.76 -11.32 5.53
C LEU A 247 11.56 -12.18 6.75
N THR A 248 11.63 -11.55 7.91
CA THR A 248 11.43 -12.20 9.19
C THR A 248 10.35 -11.54 10.03
N VAL A 249 9.80 -10.40 9.59
CA VAL A 249 8.78 -9.71 10.37
C VAL A 249 7.50 -10.58 10.53
N PRO A 250 6.83 -10.53 11.68
CA PRO A 250 5.52 -11.19 11.80
C PRO A 250 4.53 -10.60 10.79
N PHE A 251 3.68 -11.46 10.20
CA PHE A 251 2.69 -10.91 9.29
C PHE A 251 1.42 -11.69 9.22
N LEU A 252 0.35 -10.94 8.90
CA LEU A 252 -0.98 -11.47 8.63
C LEU A 252 -1.25 -11.15 7.15
N LEU A 253 -1.56 -12.16 6.39
CA LEU A 253 -1.80 -12.03 4.95
C LEU A 253 -3.21 -12.41 4.63
N LEU A 254 -3.95 -11.46 4.05
CA LEU A 254 -5.36 -11.69 3.70
C LEU A 254 -5.44 -11.63 2.19
N GLN A 255 -6.08 -12.65 1.57
CA GLN A 255 -6.11 -12.72 0.11
C GLN A 255 -7.43 -13.33 -0.39
N GLY A 256 -8.00 -12.76 -1.47
CA GLY A 256 -9.19 -13.31 -2.08
C GLY A 256 -8.84 -14.35 -3.12
N SER A 257 -9.64 -15.44 -3.21
CA SER A 257 -9.31 -16.49 -4.17
C SER A 257 -9.63 -16.10 -5.60
N ALA A 258 -10.51 -15.09 -5.82
CA ALA A 258 -10.88 -14.70 -7.16
C ALA A 258 -10.27 -13.32 -7.54
N ASP A 259 -9.07 -13.04 -7.02
CA ASP A 259 -8.37 -11.80 -7.28
C ASP A 259 -7.81 -11.80 -8.72
N ARG A 260 -8.30 -10.88 -9.58
CA ARG A 260 -7.79 -10.79 -10.93
C ARG A 260 -6.64 -9.80 -11.07
N LEU A 261 -6.22 -9.12 -9.98
CA LEU A 261 -5.13 -8.13 -10.01
C LEU A 261 -3.85 -8.70 -9.45
N CYS A 262 -3.89 -9.19 -8.21
CA CYS A 262 -2.80 -9.89 -7.55
C CYS A 262 -3.15 -11.32 -7.43
N ASP A 263 -2.49 -12.14 -8.25
CA ASP A 263 -2.80 -13.56 -8.28
C ASP A 263 -2.60 -14.22 -6.93
N SER A 264 -3.59 -14.99 -6.49
CA SER A 264 -3.52 -15.65 -5.19
C SER A 264 -2.29 -16.56 -5.04
N LYS A 265 -1.69 -17.01 -6.15
CA LYS A 265 -0.45 -17.79 -6.10
C LYS A 265 0.68 -17.02 -5.40
N GLY A 266 0.65 -15.68 -5.52
CA GLY A 266 1.63 -14.86 -4.83
C GLY A 266 1.50 -14.94 -3.32
N ALA A 267 0.28 -15.00 -2.79
CA ALA A 267 0.08 -15.06 -1.35
C ALA A 267 0.63 -16.43 -0.83
N TYR A 268 0.38 -17.53 -1.57
CA TYR A 268 0.90 -18.85 -1.17
C TYR A 268 2.44 -18.81 -1.23
N LEU A 269 3.02 -18.15 -2.24
CA LEU A 269 4.47 -18.03 -2.40
C LEU A 269 5.06 -17.25 -1.25
N LEU A 270 4.40 -16.17 -0.82
CA LEU A 270 4.88 -15.39 0.33
C LEU A 270 4.84 -16.24 1.59
N MET A 271 3.75 -17.02 1.82
CA MET A 271 3.70 -17.89 2.99
C MET A 271 4.81 -18.92 2.94
N GLU A 272 5.13 -19.45 1.75
CA GLU A 272 6.17 -20.46 1.66
C GLU A 272 7.61 -19.93 1.77
N LEU A 273 7.88 -18.80 1.10
CA LEU A 273 9.27 -18.33 1.03
C LEU A 273 9.73 -17.40 2.13
N ALA A 274 8.81 -16.65 2.80
CA ALA A 274 9.24 -15.79 3.91
C ALA A 274 9.83 -16.64 5.05
N LYS A 275 10.83 -16.11 5.73
CA LYS A 275 11.44 -16.85 6.85
CA LYS A 275 11.44 -16.84 6.84
C LYS A 275 10.77 -16.54 8.18
N SER A 276 9.79 -15.60 8.20
CA SER A 276 9.10 -15.20 9.41
CA SER A 276 9.07 -15.22 9.40
C SER A 276 8.62 -16.39 10.28
N GLN A 277 8.89 -16.32 11.57
CA GLN A 277 8.41 -17.36 12.49
C GLN A 277 6.93 -17.16 12.86
N ASP A 278 6.34 -15.95 12.54
CA ASP A 278 4.95 -15.72 12.85
C ASP A 278 4.26 -15.29 11.58
N LYS A 279 3.66 -16.25 10.86
CA LYS A 279 2.99 -15.95 9.60
C LYS A 279 1.66 -16.68 9.48
N THR A 280 0.63 -15.96 9.03
CA THR A 280 -0.71 -16.47 8.96
C THR A 280 -1.32 -16.01 7.66
N LEU A 281 -2.06 -16.88 7.01
CA LEU A 281 -2.78 -16.61 5.77
C LEU A 281 -4.25 -16.88 5.94
N LYS A 282 -5.11 -15.94 5.53
CA LYS A 282 -6.53 -16.17 5.53
C LYS A 282 -6.99 -15.95 4.11
N ILE A 283 -7.63 -16.96 3.51
CA ILE A 283 -8.15 -16.90 2.14
C ILE A 283 -9.63 -16.65 2.22
N TYR A 284 -10.11 -15.70 1.37
CA TYR A 284 -11.54 -15.39 1.28
C TYR A 284 -12.05 -15.95 -0.04
N GLU A 285 -12.80 -17.07 0.06
CA GLU A 285 -13.22 -17.78 -1.10
C GLU A 285 -14.20 -16.95 -1.94
N GLY A 286 -13.88 -16.76 -3.21
CA GLY A 286 -14.71 -16.01 -4.14
C GLY A 286 -14.48 -14.50 -4.14
N ALA A 287 -13.72 -14.00 -3.14
CA ALA A 287 -13.53 -12.55 -3.05
C ALA A 287 -12.60 -11.98 -4.08
N TYR A 288 -12.84 -10.70 -4.41
CA TYR A 288 -12.02 -10.03 -5.38
C TYR A 288 -10.84 -9.33 -4.68
N HIS A 289 -10.20 -8.40 -5.36
CA HIS A 289 -8.97 -7.79 -4.86
C HIS A 289 -9.09 -7.00 -3.56
N VAL A 290 -10.07 -6.08 -3.50
CA VAL A 290 -10.06 -5.08 -2.41
C VAL A 290 -10.87 -5.56 -1.25
N LEU A 291 -10.22 -6.40 -0.43
CA LEU A 291 -10.94 -7.13 0.63
C LEU A 291 -11.54 -6.24 1.69
N HIS A 292 -10.94 -5.08 1.95
CA HIS A 292 -11.48 -4.17 2.97
C HIS A 292 -12.61 -3.27 2.40
N LYS A 293 -12.96 -3.48 1.12
CA LYS A 293 -14.09 -2.79 0.46
C LYS A 293 -14.88 -3.79 -0.38
N GLU A 294 -15.07 -5.01 0.16
CA GLU A 294 -15.72 -6.12 -0.51
C GLU A 294 -17.16 -6.28 0.03
N LEU A 295 -17.76 -7.46 -0.12
CA LEU A 295 -19.13 -7.67 0.40
C LEU A 295 -19.05 -7.53 1.92
N PRO A 296 -20.10 -7.00 2.54
CA PRO A 296 -20.08 -6.81 4.00
C PRO A 296 -19.56 -7.99 4.82
N GLU A 297 -19.94 -9.26 4.51
CA GLU A 297 -19.45 -10.39 5.28
C GLU A 297 -17.93 -10.52 5.19
N VAL A 298 -17.34 -10.18 4.02
CA VAL A 298 -15.89 -10.26 3.84
C VAL A 298 -15.23 -9.08 4.56
N THR A 299 -15.71 -7.85 4.29
CA THR A 299 -15.15 -6.69 4.95
C THR A 299 -15.25 -6.76 6.48
N ASN A 300 -16.39 -7.20 7.02
CA ASN A 300 -16.52 -7.33 8.49
C ASN A 300 -15.50 -8.33 9.03
N SER A 301 -15.27 -9.43 8.31
CA SER A 301 -14.30 -10.45 8.75
C SER A 301 -12.89 -9.88 8.68
N VAL A 302 -12.55 -9.16 7.58
CA VAL A 302 -11.24 -8.54 7.43
C VAL A 302 -10.94 -7.60 8.61
N PHE A 303 -11.92 -6.73 8.97
CA PHE A 303 -11.71 -5.81 10.08
C PHE A 303 -11.52 -6.58 11.39
N HIS A 304 -12.37 -7.60 11.62
CA HIS A 304 -12.26 -8.39 12.85
C HIS A 304 -10.92 -9.10 12.94
N GLU A 305 -10.45 -9.67 11.81
CA GLU A 305 -9.20 -10.43 11.81
C GLU A 305 -7.98 -9.56 12.06
N ILE A 306 -8.03 -8.33 11.49
CA ILE A 306 -6.93 -7.41 11.72
C ILE A 306 -6.94 -6.96 13.17
N ASN A 307 -8.15 -6.68 13.70
CA ASN A 307 -8.32 -6.25 15.09
C ASN A 307 -7.74 -7.34 16.03
N MET A 308 -8.10 -8.61 15.82
CA MET A 308 -7.58 -9.69 16.67
C MET A 308 -6.06 -9.79 16.56
N TRP A 309 -5.56 -9.77 15.32
CA TRP A 309 -4.12 -9.99 15.10
C TRP A 309 -3.26 -8.90 15.74
N VAL A 310 -3.63 -7.61 15.54
CA VAL A 310 -2.89 -6.51 16.15
C VAL A 310 -3.11 -6.50 17.67
N SER A 311 -4.34 -6.80 18.14
CA SER A 311 -4.62 -6.84 19.60
C SER A 311 -3.73 -7.87 20.31
N GLN A 312 -3.54 -9.03 19.71
CA GLN A 312 -2.73 -10.08 20.30
C GLN A 312 -1.24 -9.69 20.34
N ARG A 313 -0.79 -8.80 19.43
CA ARG A 313 0.59 -8.42 19.32
C ARG A 313 0.92 -7.03 19.90
N THR A 314 -0.03 -6.42 20.61
CA THR A 314 0.14 -5.14 21.28
C THR A 314 -0.30 -5.26 22.75
N ALA A 315 0.12 -4.32 23.59
CA ALA A 315 -0.22 -4.33 25.02
C ALA A 315 0.15 -2.99 25.65
#